data_3WIS
#
_entry.id   3WIS
#
_cell.length_a   183.840
_cell.length_b   183.840
_cell.length_c   183.840
_cell.angle_alpha   90.000
_cell.angle_beta   90.000
_cell.angle_gamma   90.000
#
_symmetry.space_group_name_H-M   'F 4 3 2'
#
loop_
_entity.id
_entity.type
_entity.pdbx_description
1 polymer 'Putative dihydromethanopterin reductase (AfpA)'
2 non-polymer 'FLAVIN MONONUCLEOTIDE'
3 non-polymer 'SULFATE ION'
4 water water
#
_entity_poly.entity_id   1
_entity_poly.type   'polypeptide(L)'
_entity_poly.pdbx_seq_one_letter_code
;MHHHHHHMTQAPARNLADFKPDARFAWCVTGSGHLLDESIALALELPRADLFLSAAAEEVLPLYGWALPRLRKHFRVFRD
NSASGVPVGMLYHGMYHTVVIAPATSNTVAKCAFGISDTLPTNMYAQAGKQCIPGIVFACDTEPTVVTQSPNEWVELRPR
AIELDNVERLSRFEYTTLVRSLDELKAALGERLSTLDLA
;
_entity_poly.pdbx_strand_id   A
#
# COMPACT_ATOMS: atom_id res chain seq x y z
N PHE A 19 11.17 -17.63 4.83
CA PHE A 19 9.72 -17.50 4.97
C PHE A 19 9.04 -18.86 5.06
N LYS A 20 7.87 -18.90 5.67
CA LYS A 20 7.07 -20.12 5.70
C LYS A 20 6.73 -20.55 4.27
N PRO A 21 6.52 -21.85 4.04
CA PRO A 21 6.19 -22.33 2.69
C PRO A 21 4.97 -21.63 2.11
N ASP A 22 3.97 -21.35 2.93
CA ASP A 22 2.74 -20.71 2.48
C ASP A 22 2.71 -19.23 2.82
N ALA A 23 3.87 -18.58 2.75
CA ALA A 23 3.94 -17.14 3.04
C ALA A 23 3.13 -16.35 2.02
N ARG A 24 2.70 -15.17 2.43
CA ARG A 24 1.73 -14.37 1.70
C ARG A 24 2.25 -12.98 1.37
N PHE A 25 1.51 -12.27 0.53
CA PHE A 25 1.72 -10.83 0.38
C PHE A 25 1.03 -10.09 1.52
N ALA A 26 1.72 -9.11 2.13
CA ALA A 26 1.06 -8.21 3.05
C ALA A 26 0.72 -6.93 2.31
N TRP A 27 -0.54 -6.82 1.91
CA TRP A 27 -0.93 -5.67 1.08
C TRP A 27 -1.59 -4.61 1.95
N CYS A 28 -0.91 -3.47 2.11
CA CYS A 28 -1.42 -2.40 2.95
C CYS A 28 -2.19 -1.41 2.12
N VAL A 29 -3.32 -0.94 2.64
CA VAL A 29 -4.12 0.05 1.95
C VAL A 29 -4.18 1.31 2.81
N THR A 30 -3.98 2.48 2.20
CA THR A 30 -4.13 3.73 2.92
C THR A 30 -5.37 4.50 2.46
N GLY A 31 -5.64 5.64 3.08
CA GLY A 31 -6.89 6.36 2.84
C GLY A 31 -6.84 7.17 1.55
N SER A 32 -6.55 6.50 0.44
CA SER A 32 -6.48 7.12 -0.87
C SER A 32 -7.62 6.64 -1.77
N GLY A 33 -8.40 7.56 -2.32
CA GLY A 33 -9.41 7.18 -3.28
C GLY A 33 -8.79 7.01 -4.66
N HIS A 34 -7.55 7.44 -4.81
CA HIS A 34 -6.95 7.48 -6.14
C HIS A 34 -6.52 6.09 -6.60
N LEU A 35 -7.12 5.64 -7.69
CA LEU A 35 -6.86 4.30 -8.24
C LEU A 35 -7.04 3.19 -7.19
N LEU A 36 -7.94 3.43 -6.24
CA LEU A 36 -8.20 2.47 -5.16
C LEU A 36 -8.84 1.20 -5.71
N ASP A 37 -9.86 1.35 -6.54
CA ASP A 37 -10.56 0.20 -7.10
C ASP A 37 -9.61 -0.66 -7.95
N GLU A 38 -8.75 -0.01 -8.73
CA GLU A 38 -7.83 -0.74 -9.59
C GLU A 38 -6.74 -1.44 -8.78
N SER A 39 -6.37 -0.84 -7.65
CA SER A 39 -5.38 -1.43 -6.76
C SER A 39 -5.92 -2.69 -6.10
N ILE A 40 -7.15 -2.63 -5.60
CA ILE A 40 -7.75 -3.81 -5.01
C ILE A 40 -7.93 -4.89 -6.08
N ALA A 41 -8.28 -4.48 -7.30
CA ALA A 41 -8.41 -5.41 -8.42
C ALA A 41 -7.11 -6.21 -8.66
N LEU A 42 -5.97 -5.53 -8.61
CA LEU A 42 -4.67 -6.19 -8.73
C LEU A 42 -4.39 -7.14 -7.57
N ALA A 43 -4.72 -6.69 -6.36
CA ALA A 43 -4.54 -7.53 -5.17
C ALA A 43 -5.34 -8.81 -5.28
N LEU A 44 -6.53 -8.70 -5.87
CA LEU A 44 -7.41 -9.85 -6.04
C LEU A 44 -6.77 -10.92 -6.93
N GLU A 45 -5.90 -10.49 -7.83
CA GLU A 45 -5.26 -11.40 -8.79
C GLU A 45 -4.10 -12.20 -8.18
N LEU A 46 -3.55 -11.72 -7.06
CA LEU A 46 -2.42 -12.38 -6.41
C LEU A 46 -2.84 -13.70 -5.76
N PRO A 47 -1.93 -14.69 -5.74
CA PRO A 47 -2.29 -16.02 -5.23
C PRO A 47 -2.75 -16.00 -3.76
N ARG A 48 -1.98 -15.37 -2.88
CA ARG A 48 -2.32 -15.29 -1.46
C ARG A 48 -1.94 -13.92 -0.91
N ALA A 49 -2.93 -13.10 -0.59
CA ALA A 49 -2.63 -11.80 0.00
C ALA A 49 -3.63 -11.46 1.08
N ASP A 50 -3.14 -10.85 2.15
CA ASP A 50 -3.97 -10.31 3.21
C ASP A 50 -3.88 -8.80 3.15
N LEU A 51 -4.95 -8.14 3.59
CA LEU A 51 -5.02 -6.69 3.57
C LEU A 51 -4.78 -6.12 4.97
N PHE A 52 -4.03 -5.03 5.00
CA PHE A 52 -3.72 -4.32 6.23
C PHE A 52 -4.10 -2.85 6.03
N LEU A 53 -5.11 -2.38 6.76
CA LEU A 53 -5.66 -1.04 6.54
C LEU A 53 -5.15 0.01 7.52
N SER A 54 -4.98 1.25 7.06
CA SER A 54 -4.88 2.36 8.01
C SER A 54 -6.28 2.71 8.50
N ALA A 55 -6.37 3.52 9.56
CA ALA A 55 -7.63 4.03 10.02
C ALA A 55 -8.35 4.81 8.92
N ALA A 56 -7.58 5.63 8.17
CA ALA A 56 -8.19 6.42 7.09
C ALA A 56 -8.72 5.50 5.98
N ALA A 57 -7.99 4.45 5.66
CA ALA A 57 -8.45 3.49 4.64
C ALA A 57 -9.81 2.90 5.00
N GLU A 58 -10.00 2.57 6.27
CA GLU A 58 -11.25 1.99 6.71
C GLU A 58 -12.41 2.95 6.48
N GLU A 59 -12.12 4.26 6.51
CA GLU A 59 -13.16 5.25 6.22
C GLU A 59 -13.39 5.48 4.74
N VAL A 60 -12.30 5.42 3.98
CA VAL A 60 -12.34 5.78 2.56
C VAL A 60 -12.82 4.61 1.71
N LEU A 61 -12.35 3.42 1.99
CA LEU A 61 -12.72 2.23 1.20
C LEU A 61 -14.25 2.05 0.93
N PRO A 62 -15.11 2.21 1.96
CA PRO A 62 -16.54 2.05 1.67
C PRO A 62 -17.09 3.09 0.67
N LEU A 63 -16.45 4.24 0.58
CA LEU A 63 -16.93 5.30 -0.30
C LEU A 63 -16.69 4.96 -1.77
N TYR A 64 -15.82 3.98 -2.03
CA TYR A 64 -15.45 3.62 -3.40
C TYR A 64 -15.74 2.18 -3.77
N GLY A 65 -16.67 1.55 -3.06
CA GLY A 65 -17.13 0.24 -3.47
C GLY A 65 -16.51 -0.91 -2.70
N TRP A 66 -15.66 -0.60 -1.73
CA TRP A 66 -14.96 -1.68 -1.03
C TRP A 66 -15.14 -1.62 0.48
N ALA A 67 -16.40 -1.72 0.93
CA ALA A 67 -16.69 -1.81 2.35
C ALA A 67 -16.03 -3.06 2.90
N LEU A 68 -15.71 -3.06 4.20
CA LEU A 68 -15.10 -4.23 4.85
C LEU A 68 -15.82 -5.56 4.55
N PRO A 69 -17.17 -5.61 4.61
CA PRO A 69 -17.78 -6.91 4.34
C PRO A 69 -17.49 -7.45 2.93
N ARG A 70 -17.36 -6.55 1.96
CA ARG A 70 -17.03 -6.99 0.61
C ARG A 70 -15.58 -7.45 0.54
N LEU A 71 -14.70 -6.68 1.18
CA LEU A 71 -13.29 -7.05 1.21
C LEU A 71 -13.08 -8.42 1.85
N ARG A 72 -13.83 -8.69 2.92
CA ARG A 72 -13.66 -9.94 3.66
CA ARG A 72 -13.71 -9.94 3.67
C ARG A 72 -14.22 -11.17 2.91
N LYS A 73 -14.95 -10.95 1.82
CA LYS A 73 -15.33 -12.08 0.97
C LYS A 73 -14.12 -12.62 0.22
N HIS A 74 -13.11 -11.78 0.08
CA HIS A 74 -11.94 -12.10 -0.74
C HIS A 74 -10.64 -12.17 0.05
N PHE A 75 -10.57 -11.42 1.14
CA PHE A 75 -9.31 -11.27 1.88
C PHE A 75 -9.48 -11.47 3.36
N ARG A 76 -8.40 -11.90 4.03
CA ARG A 76 -8.27 -11.63 5.46
C ARG A 76 -7.93 -10.17 5.58
N VAL A 77 -8.62 -9.48 6.48
CA VAL A 77 -8.44 -8.04 6.56
C VAL A 77 -8.12 -7.64 8.00
N PHE A 78 -7.00 -6.94 8.16
CA PHE A 78 -6.57 -6.46 9.46
C PHE A 78 -6.78 -4.97 9.56
N ARG A 79 -7.56 -4.56 10.55
CA ARG A 79 -7.87 -3.15 10.76
C ARG A 79 -6.79 -2.51 11.61
N ASP A 80 -6.68 -1.20 11.56
CA ASP A 80 -5.68 -0.53 12.40
C ASP A 80 -6.26 -0.20 13.76
N ASN A 81 -6.34 -1.18 14.63
CA ASN A 81 -7.01 -0.94 15.91
C ASN A 81 -6.08 -1.10 17.11
N SER A 82 -4.78 -0.93 16.88
CA SER A 82 -3.84 -0.90 17.99
C SER A 82 -2.81 0.19 17.74
N ALA A 83 -2.34 0.84 18.80
CA ALA A 83 -1.38 1.94 18.60
C ALA A 83 -0.02 1.36 18.24
N SER A 84 0.26 0.14 18.69
CA SER A 84 1.60 -0.43 18.52
C SER A 84 1.73 -1.22 17.22
N GLY A 85 0.62 -1.44 16.52
CA GLY A 85 0.68 -2.17 15.25
C GLY A 85 0.86 -3.66 15.49
N VAL A 86 0.08 -4.20 16.42
CA VAL A 86 0.18 -5.61 16.80
C VAL A 86 0.23 -6.63 15.62
N PRO A 87 -0.55 -6.43 14.55
CA PRO A 87 -0.48 -7.47 13.50
C PRO A 87 0.89 -7.61 12.83
N VAL A 88 1.71 -6.58 12.91
CA VAL A 88 3.05 -6.61 12.32
C VAL A 88 3.93 -7.73 12.93
N GLY A 89 3.57 -8.18 14.13
CA GLY A 89 4.24 -9.32 14.74
C GLY A 89 4.30 -10.55 13.84
N MET A 90 3.34 -10.67 12.92
CA MET A 90 3.34 -11.79 12.00
C MET A 90 4.55 -11.80 11.06
N LEU A 91 5.14 -10.64 10.80
CA LEU A 91 6.37 -10.58 10.01
C LEU A 91 7.50 -11.37 10.65
N TYR A 92 7.54 -11.40 11.97
CA TYR A 92 8.60 -12.12 12.68
C TYR A 92 8.46 -13.62 12.54
N HIS A 93 7.31 -14.07 12.05
CA HIS A 93 7.07 -15.50 11.96
C HIS A 93 7.14 -16.00 10.54
N GLY A 94 7.69 -15.18 9.65
CA GLY A 94 7.91 -15.59 8.28
C GLY A 94 6.62 -15.75 7.49
N MET A 95 5.56 -15.09 7.96
CA MET A 95 4.23 -15.27 7.36
C MET A 95 4.01 -14.42 6.11
N TYR A 96 4.83 -13.40 5.91
CA TYR A 96 4.68 -12.50 4.75
C TYR A 96 6.02 -12.29 4.02
N HIS A 97 6.06 -12.57 2.72
CA HIS A 97 7.32 -12.51 1.99
C HIS A 97 7.56 -11.15 1.35
N THR A 98 6.54 -10.31 1.39
CA THR A 98 6.54 -9.03 0.67
C THR A 98 5.54 -8.10 1.31
N VAL A 99 5.89 -6.82 1.44
CA VAL A 99 4.95 -5.80 1.86
C VAL A 99 4.64 -4.88 0.68
N VAL A 100 3.35 -4.62 0.45
CA VAL A 100 2.91 -3.69 -0.60
C VAL A 100 2.17 -2.55 0.10
N ILE A 101 2.33 -1.32 -0.37
CA ILE A 101 1.41 -0.25 0.03
C ILE A 101 0.81 0.31 -1.25
N ALA A 102 -0.48 0.09 -1.46
CA ALA A 102 -1.12 0.50 -2.70
C ALA A 102 -2.62 0.59 -2.52
N PRO A 103 -3.19 1.77 -2.78
CA PRO A 103 -2.49 3.03 -3.06
C PRO A 103 -1.85 3.58 -1.79
N ALA A 104 -0.81 4.39 -1.96
CA ALA A 104 -0.20 5.08 -0.83
C ALA A 104 -0.52 6.57 -0.90
N THR A 105 -1.20 7.08 0.12
CA THR A 105 -1.47 8.52 0.26
C THR A 105 -0.17 9.31 0.30
N SER A 106 -0.21 10.60 -0.01
CA SER A 106 0.97 11.43 0.16
CA SER A 106 0.97 11.43 0.17
C SER A 106 1.42 11.38 1.62
N ASN A 107 0.43 11.37 2.52
CA ASN A 107 0.71 11.29 3.95
C ASN A 107 1.56 10.07 4.31
N THR A 108 1.15 8.89 3.84
CA THR A 108 1.92 7.68 4.16
C THR A 108 3.28 7.69 3.45
N VAL A 109 3.39 8.21 2.24
CA VAL A 109 4.70 8.32 1.60
C VAL A 109 5.64 9.21 2.44
N ALA A 110 5.09 10.31 2.96
CA ALA A 110 5.87 11.22 3.80
C ALA A 110 6.34 10.52 5.07
N LYS A 111 5.42 9.84 5.74
CA LYS A 111 5.79 9.14 6.96
C LYS A 111 6.85 8.08 6.70
N CYS A 112 6.67 7.27 5.65
CA CYS A 112 7.67 6.26 5.32
C CYS A 112 9.03 6.88 5.03
N ALA A 113 9.04 8.00 4.29
CA ALA A 113 10.28 8.65 3.89
C ALA A 113 11.10 9.18 5.06
N PHE A 114 10.42 9.51 6.15
CA PHE A 114 11.10 10.09 7.30
C PHE A 114 11.21 9.11 8.48
N GLY A 115 10.80 7.87 8.26
CA GLY A 115 10.96 6.82 9.27
C GLY A 115 9.92 6.88 10.37
N ILE A 116 8.80 7.54 10.10
CA ILE A 116 7.69 7.62 11.07
C ILE A 116 6.82 6.39 10.88
N SER A 117 6.47 5.73 11.98
CA SER A 117 5.63 4.54 11.89
CA SER A 117 5.66 4.52 11.92
C SER A 117 4.63 4.57 13.04
N ASP A 118 3.48 5.15 12.77
CA ASP A 118 2.44 5.29 13.79
C ASP A 118 1.07 4.94 13.22
N THR A 119 1.08 4.12 12.18
CA THR A 119 -0.12 3.52 11.61
C THR A 119 0.19 2.08 11.23
N LEU A 120 -0.82 1.26 11.01
CA LEU A 120 -0.52 -0.11 10.65
C LEU A 120 0.29 -0.18 9.33
N PRO A 121 -0.11 0.58 8.28
CA PRO A 121 0.73 0.46 7.08
C PRO A 121 2.17 0.97 7.26
N THR A 122 2.36 2.06 8.00
CA THR A 122 3.73 2.58 8.11
C THR A 122 4.57 1.70 9.03
N ASN A 123 3.94 1.07 10.02
CA ASN A 123 4.64 0.08 10.84
C ASN A 123 4.99 -1.18 10.05
N MET A 124 4.07 -1.66 9.22
CA MET A 124 4.36 -2.82 8.38
CA MET A 124 4.36 -2.81 8.37
C MET A 124 5.55 -2.53 7.46
N TYR A 125 5.56 -1.32 6.88
CA TYR A 125 6.65 -0.95 5.97
C TYR A 125 7.99 -0.85 6.71
N ALA A 126 8.01 -0.19 7.86
CA ALA A 126 9.27 0.01 8.58
C ALA A 126 9.80 -1.32 9.10
N GLN A 127 8.93 -2.15 9.64
CA GLN A 127 9.39 -3.43 10.19
C GLN A 127 9.87 -4.34 9.07
N ALA A 128 9.19 -4.31 7.92
CA ALA A 128 9.68 -5.06 6.76
C ALA A 128 11.12 -4.67 6.42
N GLY A 129 11.36 -3.36 6.35
CA GLY A 129 12.69 -2.88 6.02
C GLY A 129 13.74 -3.34 7.01
N LYS A 130 13.41 -3.29 8.29
CA LYS A 130 14.39 -3.69 9.33
C LYS A 130 14.74 -5.17 9.20
N GLN A 131 13.80 -5.96 8.69
CA GLN A 131 14.01 -7.40 8.50
C GLN A 131 14.42 -7.77 7.09
N CYS A 132 14.67 -6.78 6.24
CA CYS A 132 15.10 -7.01 4.85
C CYS A 132 14.06 -7.75 4.02
N ILE A 133 12.79 -7.48 4.32
CA ILE A 133 11.66 -7.98 3.53
C ILE A 133 11.32 -6.93 2.48
N PRO A 134 11.27 -7.33 1.20
CA PRO A 134 11.01 -6.40 0.10
C PRO A 134 9.69 -5.67 0.23
N GLY A 135 9.70 -4.37 -0.05
CA GLY A 135 8.51 -3.54 -0.01
C GLY A 135 8.27 -2.92 -1.37
N ILE A 136 7.00 -2.79 -1.75
CA ILE A 136 6.63 -2.20 -3.03
C ILE A 136 5.63 -1.11 -2.69
N VAL A 137 5.92 0.13 -3.07
CA VAL A 137 5.09 1.25 -2.67
C VAL A 137 4.57 1.97 -3.90
N PHE A 138 3.25 2.05 -4.01
CA PHE A 138 2.61 2.68 -5.15
C PHE A 138 2.29 4.12 -4.76
N ALA A 139 3.20 5.04 -5.11
CA ALA A 139 3.02 6.46 -4.80
C ALA A 139 2.13 7.12 -5.85
N CYS A 140 1.03 7.73 -5.40
CA CYS A 140 0.02 8.27 -6.32
C CYS A 140 0.06 9.78 -6.54
N ASP A 141 1.08 10.46 -6.03
CA ASP A 141 1.17 11.91 -6.18
C ASP A 141 2.42 12.30 -6.94
N THR A 142 2.57 11.79 -8.15
CA THR A 142 3.76 12.09 -8.92
C THR A 142 3.42 12.95 -10.12
N GLU A 143 2.13 13.06 -10.42
CA GLU A 143 1.68 13.78 -11.63
C GLU A 143 0.35 14.48 -11.41
N PRO A 144 0.10 15.55 -12.16
CA PRO A 144 -1.21 16.20 -12.10
C PRO A 144 -2.35 15.23 -12.44
N THR A 145 -3.52 15.49 -11.89
CA THR A 145 -4.68 14.67 -12.22
C THR A 145 -5.94 15.52 -12.13
N VAL A 146 -7.07 14.93 -12.53
CA VAL A 146 -8.34 15.64 -12.55
C VAL A 146 -9.35 14.88 -11.69
N VAL A 147 -10.08 15.62 -10.86
CA VAL A 147 -11.15 15.02 -10.06
C VAL A 147 -12.45 15.71 -10.47
N THR A 148 -13.44 14.94 -10.91
CA THR A 148 -14.68 15.53 -11.38
C THR A 148 -15.80 15.47 -10.34
N GLN A 149 -16.68 16.47 -10.35
CA GLN A 149 -17.85 16.49 -9.49
C GLN A 149 -19.13 16.42 -10.31
N SER A 150 -19.23 17.29 -11.31
CA SER A 150 -20.34 17.27 -12.25
C SER A 150 -19.79 16.98 -13.64
N PRO A 151 -20.66 16.64 -14.61
CA PRO A 151 -20.21 16.37 -15.99
C PRO A 151 -19.30 17.43 -16.59
N ASN A 152 -19.57 18.71 -16.32
CA ASN A 152 -18.76 19.78 -16.91
C ASN A 152 -18.01 20.61 -15.88
N GLU A 153 -17.82 20.06 -14.67
CA GLU A 153 -16.98 20.73 -13.68
C GLU A 153 -16.06 19.77 -12.92
N TRP A 154 -14.83 20.22 -12.73
CA TRP A 154 -13.78 19.35 -12.23
C TRP A 154 -12.71 20.19 -11.57
N VAL A 155 -11.82 19.51 -10.86
CA VAL A 155 -10.76 20.14 -10.10
C VAL A 155 -9.45 19.49 -10.54
N GLU A 156 -8.47 20.29 -10.90
CA GLU A 156 -7.15 19.73 -11.16
C GLU A 156 -6.31 19.71 -9.89
N LEU A 157 -5.69 18.56 -9.60
CA LEU A 157 -4.72 18.44 -8.52
C LEU A 157 -3.31 18.40 -9.11
N ARG A 158 -2.36 19.04 -8.43
CA ARG A 158 -0.97 19.06 -8.88
C ARG A 158 -0.09 18.74 -7.68
N PRO A 159 0.80 17.75 -7.82
CA PRO A 159 1.66 17.44 -6.68
C PRO A 159 2.54 18.63 -6.36
N ARG A 160 2.80 18.86 -5.07
CA ARG A 160 3.70 19.95 -4.67
C ARG A 160 5.14 19.48 -4.62
N ALA A 161 6.08 20.41 -4.46
CA ALA A 161 7.48 20.05 -4.31
C ALA A 161 7.67 19.02 -3.22
N ILE A 162 6.96 19.17 -2.10
CA ILE A 162 7.19 18.26 -0.98
C ILE A 162 6.78 16.83 -1.35
N GLU A 163 5.69 16.69 -2.10
CA GLU A 163 5.26 15.35 -2.53
C GLU A 163 6.32 14.72 -3.45
N LEU A 164 6.81 15.51 -4.39
CA LEU A 164 7.80 15.02 -5.34
C LEU A 164 9.11 14.66 -4.64
N ASP A 165 9.54 15.54 -3.73
CA ASP A 165 10.74 15.28 -2.93
C ASP A 165 10.61 14.01 -2.09
N ASN A 166 9.46 13.82 -1.47
CA ASN A 166 9.27 12.65 -0.61
C ASN A 166 9.27 11.34 -1.40
N VAL A 167 8.72 11.37 -2.61
CA VAL A 167 8.78 10.22 -3.50
C VAL A 167 10.23 9.90 -3.85
N GLU A 168 11.01 10.93 -4.15
CA GLU A 168 12.42 10.73 -4.44
C GLU A 168 13.14 10.14 -3.23
N ARG A 169 12.86 10.67 -2.04
CA ARG A 169 13.45 10.17 -0.80
C ARG A 169 13.15 8.70 -0.57
N LEU A 170 11.88 8.34 -0.67
CA LEU A 170 11.44 6.99 -0.37
C LEU A 170 11.98 6.04 -1.44
N SER A 171 12.12 6.52 -2.67
CA SER A 171 12.55 5.62 -3.75
C SER A 171 13.97 5.10 -3.51
N ARG A 172 14.73 5.78 -2.66
CA ARG A 172 16.11 5.41 -2.40
C ARG A 172 16.25 4.40 -1.25
N PHE A 173 15.16 4.10 -0.58
CA PHE A 173 15.20 3.21 0.60
C PHE A 173 15.63 1.79 0.23
N GLU A 174 16.33 1.15 1.17
CA GLU A 174 16.75 -0.23 1.03
C GLU A 174 15.52 -1.13 0.87
N TYR A 175 15.64 -2.17 0.04
CA TYR A 175 14.57 -3.17 -0.12
C TYR A 175 13.24 -2.56 -0.50
N THR A 176 13.27 -1.50 -1.29
CA THR A 176 12.04 -0.78 -1.61
C THR A 176 11.96 -0.53 -3.10
N THR A 177 10.83 -0.84 -3.71
CA THR A 177 10.59 -0.50 -5.09
C THR A 177 9.43 0.47 -5.08
N LEU A 178 9.71 1.72 -5.39
CA LEU A 178 8.67 2.72 -5.47
C LEU A 178 8.17 2.75 -6.91
N VAL A 179 6.86 2.56 -7.09
CA VAL A 179 6.27 2.55 -8.43
C VAL A 179 5.30 3.73 -8.57
N ARG A 180 5.12 4.23 -9.78
CA ARG A 180 4.36 5.47 -9.97
C ARG A 180 3.12 5.27 -10.85
N SER A 181 2.82 4.03 -11.19
CA SER A 181 1.65 3.75 -12.00
C SER A 181 1.18 2.33 -11.75
N LEU A 182 -0.07 2.05 -12.12
CA LEU A 182 -0.63 0.71 -12.03
C LEU A 182 0.19 -0.30 -12.84
N ASP A 183 0.58 0.11 -14.04
CA ASP A 183 1.40 -0.74 -14.90
C ASP A 183 2.71 -1.13 -14.22
N GLU A 184 3.38 -0.15 -13.62
CA GLU A 184 4.63 -0.42 -12.96
C GLU A 184 4.43 -1.26 -11.69
N LEU A 185 3.31 -1.05 -11.00
CA LEU A 185 2.97 -1.90 -9.85
C LEU A 185 2.81 -3.35 -10.30
N LYS A 186 2.11 -3.56 -11.41
CA LYS A 186 1.95 -4.91 -11.98
CA LYS A 186 1.95 -4.92 -11.94
C LYS A 186 3.31 -5.52 -12.28
N ALA A 187 4.20 -4.73 -12.87
CA ALA A 187 5.53 -5.22 -13.21
C ALA A 187 6.33 -5.63 -11.95
N ALA A 188 6.27 -4.81 -10.90
CA ALA A 188 6.97 -5.09 -9.66
C ALA A 188 6.44 -6.36 -9.00
N LEU A 189 5.12 -6.49 -9.00
CA LEU A 189 4.48 -7.68 -8.46
C LEU A 189 4.89 -8.91 -9.25
N GLY A 190 4.92 -8.77 -10.58
CA GLY A 190 5.32 -9.87 -11.43
C GLY A 190 6.75 -10.31 -11.21
N GLU A 191 7.65 -9.34 -11.01
CA GLU A 191 9.05 -9.67 -10.72
C GLU A 191 9.14 -10.42 -9.40
N ARG A 192 8.38 -9.98 -8.41
CA ARG A 192 8.38 -10.61 -7.09
C ARG A 192 7.89 -12.04 -7.20
N LEU A 193 6.80 -12.25 -7.95
CA LEU A 193 6.25 -13.59 -8.15
C LEU A 193 7.24 -14.52 -8.85
N SER A 194 7.99 -13.97 -9.80
CA SER A 194 8.97 -14.74 -10.53
C SER A 194 10.12 -15.15 -9.61
N THR A 195 10.60 -14.19 -8.82
CA THR A 195 11.62 -14.45 -7.81
C THR A 195 11.21 -15.57 -6.84
N LEU A 196 9.97 -15.50 -6.36
CA LEU A 196 9.45 -16.49 -5.41
C LEU A 196 9.01 -17.79 -6.07
N ASP A 197 9.22 -17.89 -7.38
CA ASP A 197 8.74 -19.01 -8.19
C ASP A 197 7.25 -19.31 -7.97
N LEU A 198 6.44 -18.26 -7.91
CA LEU A 198 5.00 -18.42 -7.79
C LEU A 198 4.32 -18.12 -9.13
#